data_6SLL
#
_entry.id   6SLL
#
_cell.length_a   151.048
_cell.length_b   151.048
_cell.length_c   46.172
_cell.angle_alpha   90.000
_cell.angle_beta   90.000
_cell.angle_gamma   120.000
#
_symmetry.space_group_name_H-M   'H 3'
#
loop_
_entity.id
_entity.type
_entity.pdbx_description
1 polymer 'L-2,4-diaminobutyric acid acetyltransferase'
2 non-polymer 'COENZYME A'
3 non-polymer '2,4-DIAMINOBUTYRIC ACID'
4 non-polymer 'MAGNESIUM ION'
5 water water
#
_entity_poly.entity_id   1
_entity_poly.type   'polypeptide(L)'
_entity_poly.pdbx_seq_one_letter_code
;WSHPQFEKSGMAVDTGTEVVYRRPEARDGTRVWELIRDTGSLDLNSPYCYMLLGDYFNDTCMIAEHEGDIVGFISAFRSP
RNPETLFVWQVAVASSHRRQGIAKAMLTGLMNQKACHGVRFIETTVSPSNMASRRLFLGYAEEKSIPSTVTVGYGAEMFP
DGTTHEDEPLFVIGPFFNDIGSAWSH
;
_entity_poly.pdbx_strand_id   A,B
#
# COMPACT_ATOMS: atom_id res chain seq x y z
N GLY A 16 10.28 -29.19 19.84
CA GLY A 16 9.54 -28.93 18.56
C GLY A 16 10.32 -28.06 17.67
N THR A 17 9.74 -27.60 16.59
CA THR A 17 10.58 -26.98 15.54
C THR A 17 10.45 -25.47 15.75
N GLU A 18 11.56 -24.79 15.69
CA GLU A 18 11.56 -23.38 15.90
C GLU A 18 10.83 -22.63 14.72
N VAL A 19 10.14 -21.59 15.10
CA VAL A 19 9.62 -20.62 14.10
C VAL A 19 10.81 -19.93 13.52
N VAL A 20 10.78 -19.69 12.19
CA VAL A 20 11.81 -19.00 11.47
C VAL A 20 11.21 -17.75 10.84
N TYR A 21 12.09 -16.76 10.72
CA TYR A 21 11.66 -15.38 10.35
C TYR A 21 12.44 -14.93 9.10
N ARG A 22 11.84 -14.20 8.21
CA ARG A 22 12.49 -13.74 7.02
C ARG A 22 11.69 -12.55 6.44
N ARG A 23 12.31 -11.78 5.55
CA ARG A 23 11.58 -10.83 4.74
C ARG A 23 10.67 -11.52 3.77
N PRO A 24 9.53 -10.96 3.45
CA PRO A 24 8.72 -11.50 2.38
C PRO A 24 9.33 -11.19 1.00
N GLU A 25 8.79 -11.90 0.02
CA GLU A 25 9.05 -11.68 -1.37
C GLU A 25 7.72 -11.56 -2.12
N ALA A 26 7.77 -11.08 -3.39
CA ALA A 26 6.51 -10.98 -4.13
C ALA A 26 5.76 -12.31 -4.16
N ARG A 27 6.54 -13.41 -4.33
CA ARG A 27 5.88 -14.73 -4.44
C ARG A 27 5.15 -15.18 -3.20
N ASP A 28 5.39 -14.49 -2.08
CA ASP A 28 4.63 -14.80 -0.87
C ASP A 28 3.23 -14.15 -0.85
N GLY A 29 2.92 -13.32 -1.88
CA GLY A 29 1.70 -12.52 -1.77
C GLY A 29 0.43 -13.37 -1.51
N THR A 30 0.26 -14.46 -2.27
CA THR A 30 -0.95 -15.29 -2.07
C THR A 30 -0.98 -15.85 -0.68
N ARG A 31 0.09 -16.47 -0.23
CA ARG A 31 0.06 -17.07 1.09
C ARG A 31 -0.14 -16.06 2.24
N VAL A 32 0.44 -14.89 2.06
CA VAL A 32 0.16 -13.81 3.04
C VAL A 32 -1.31 -13.36 2.97
N TRP A 33 -1.83 -13.20 1.75
CA TRP A 33 -3.25 -12.86 1.61
C TRP A 33 -4.11 -13.87 2.35
N GLU A 34 -3.81 -15.17 2.12
CA GLU A 34 -4.60 -16.21 2.78
C GLU A 34 -4.50 -16.14 4.33
N LEU A 35 -3.32 -15.85 4.86
CA LEU A 35 -3.17 -15.66 6.31
C LEU A 35 -4.02 -14.55 6.77
N ILE A 36 -4.01 -13.39 6.10
CA ILE A 36 -4.81 -12.27 6.54
CA ILE A 36 -4.82 -12.21 6.42
C ILE A 36 -6.31 -12.58 6.41
N ARG A 37 -6.72 -13.17 5.28
CA ARG A 37 -8.10 -13.58 5.08
C ARG A 37 -8.58 -14.46 6.20
N ASP A 38 -7.75 -15.42 6.56
CA ASP A 38 -8.16 -16.47 7.48
C ASP A 38 -8.30 -15.99 8.86
N THR A 39 -7.71 -14.87 9.24
CA THR A 39 -7.95 -14.23 10.50
C THR A 39 -9.41 -13.86 10.66
N GLY A 40 -10.07 -13.55 9.55
CA GLY A 40 -11.48 -13.05 9.55
C GLY A 40 -11.67 -11.74 10.24
N SER A 41 -10.62 -11.06 10.62
CA SER A 41 -10.69 -9.89 11.46
C SER A 41 -9.77 -8.70 11.05
N LEU A 42 -9.02 -8.77 10.05
CA LEU A 42 -8.22 -7.70 9.46
C LEU A 42 -8.94 -7.32 8.24
N ASP A 43 -8.67 -6.08 7.83
N ASP A 43 -8.68 -6.09 7.77
CA ASP A 43 -9.18 -5.54 6.53
CA ASP A 43 -9.28 -5.62 6.50
C ASP A 43 -8.42 -6.28 5.43
C ASP A 43 -8.48 -6.07 5.29
N LEU A 44 -9.06 -7.01 4.60
CA LEU A 44 -8.35 -7.79 3.64
C LEU A 44 -8.09 -6.93 2.39
N ASN A 45 -6.85 -6.80 1.98
CA ASN A 45 -6.50 -6.16 0.70
C ASN A 45 -6.40 -7.20 -0.41
N SER A 46 -6.17 -6.74 -1.62
CA SER A 46 -6.03 -7.67 -2.72
C SER A 46 -4.82 -8.52 -2.64
N PRO A 47 -4.74 -9.71 -3.27
CA PRO A 47 -3.53 -10.43 -3.36
C PRO A 47 -2.38 -9.61 -3.96
N TYR A 48 -2.68 -8.82 -4.97
CA TYR A 48 -1.71 -7.95 -5.58
C TYR A 48 -1.08 -7.01 -4.61
N CYS A 49 -1.85 -6.46 -3.67
CA CYS A 49 -1.26 -5.59 -2.63
C CYS A 49 -0.18 -6.31 -1.91
N TYR A 50 -0.39 -7.57 -1.48
CA TYR A 50 0.63 -8.29 -0.72
C TYR A 50 1.81 -8.65 -1.59
N MET A 51 1.62 -8.84 -2.88
CA MET A 51 2.77 -8.98 -3.78
C MET A 51 3.61 -7.71 -3.82
N LEU A 52 2.96 -6.54 -3.86
CA LEU A 52 3.69 -5.27 -3.86
C LEU A 52 4.41 -5.13 -2.57
N LEU A 53 3.85 -5.47 -1.45
CA LEU A 53 4.56 -5.37 -0.18
C LEU A 53 5.78 -6.21 -0.19
N GLY A 54 5.69 -7.44 -0.69
CA GLY A 54 6.85 -8.31 -0.80
C GLY A 54 7.87 -7.86 -1.81
N ASP A 55 7.48 -7.10 -2.80
CA ASP A 55 8.38 -6.62 -3.82
C ASP A 55 9.05 -5.33 -3.43
N TYR A 56 8.29 -4.27 -3.29
CA TYR A 56 8.79 -2.93 -3.06
C TYR A 56 9.07 -2.59 -1.61
N PHE A 57 8.33 -3.19 -0.67
CA PHE A 57 8.39 -2.82 0.76
C PHE A 57 9.04 -3.85 1.61
N ASN A 58 9.71 -4.87 1.02
CA ASN A 58 10.08 -6.05 1.82
CA ASN A 58 10.01 -6.03 1.87
C ASN A 58 11.06 -5.76 2.92
N ASP A 59 11.84 -4.69 2.74
CA ASP A 59 12.82 -4.37 3.74
C ASP A 59 12.26 -3.95 5.06
N THR A 60 10.98 -3.55 5.08
CA THR A 60 10.26 -3.16 6.28
C THR A 60 9.06 -4.05 6.57
N CYS A 61 9.10 -5.29 6.07
CA CYS A 61 8.09 -6.28 6.38
C CYS A 61 8.69 -7.56 6.93
N MET A 62 7.85 -8.52 7.26
N MET A 62 7.92 -8.40 7.59
CA MET A 62 8.38 -9.76 7.81
CA MET A 62 8.41 -9.63 8.27
C MET A 62 7.36 -10.81 7.78
C MET A 62 7.42 -10.78 7.96
N ILE A 63 7.93 -12.00 7.70
CA ILE A 63 7.16 -13.27 7.77
C ILE A 63 7.74 -14.19 8.85
N ALA A 64 6.81 -14.90 9.47
CA ALA A 64 7.16 -16.02 10.33
C ALA A 64 6.57 -17.27 9.73
N GLU A 65 7.41 -18.34 9.78
CA GLU A 65 7.01 -19.67 9.27
C GLU A 65 7.31 -20.77 10.30
N HIS A 66 6.42 -21.73 10.26
CA HIS A 66 6.64 -22.93 11.18
C HIS A 66 6.26 -24.11 10.38
N GLU A 67 7.21 -25.08 10.29
CA GLU A 67 7.04 -26.34 9.61
C GLU A 67 6.40 -26.15 8.16
N GLY A 68 6.88 -25.11 7.52
CA GLY A 68 6.61 -24.80 6.17
C GLY A 68 5.44 -23.97 6.00
N ASP A 69 4.67 -23.63 7.02
CA ASP A 69 3.50 -22.80 6.85
C ASP A 69 3.81 -21.35 7.26
N ILE A 70 3.29 -20.38 6.55
CA ILE A 70 3.34 -18.97 7.00
C ILE A 70 2.41 -18.87 8.20
N VAL A 71 2.90 -18.47 9.35
CA VAL A 71 2.10 -18.30 10.59
C VAL A 71 2.10 -16.87 11.05
N GLY A 72 2.91 -15.97 10.48
CA GLY A 72 2.89 -14.57 10.90
C GLY A 72 3.30 -13.66 9.81
N PHE A 73 2.83 -12.42 9.86
CA PHE A 73 3.19 -11.39 8.89
C PHE A 73 3.10 -10.04 9.55
N ILE A 74 3.96 -9.11 9.11
N ILE A 74 4.10 -9.16 9.32
CA ILE A 74 3.90 -7.72 9.59
CA ILE A 74 3.92 -7.71 9.50
C ILE A 74 4.27 -6.89 8.40
C ILE A 74 4.15 -7.02 8.19
N SER A 75 3.31 -6.05 7.93
CA SER A 75 3.58 -5.02 6.89
C SER A 75 3.87 -3.67 7.54
N ALA A 76 4.84 -2.96 7.00
CA ALA A 76 5.18 -1.64 7.49
C ALA A 76 5.95 -0.91 6.40
N PHE A 77 6.03 0.41 6.55
CA PHE A 77 6.80 1.26 5.65
C PHE A 77 7.23 2.47 6.34
N ARG A 78 8.35 3.06 5.96
CA ARG A 78 8.73 4.35 6.50
C ARG A 78 7.93 5.44 5.81
N SER A 79 7.35 6.37 6.57
CA SER A 79 6.49 7.40 6.01
C SER A 79 7.26 8.21 4.99
N PRO A 80 6.79 8.34 3.77
CA PRO A 80 7.56 9.10 2.77
C PRO A 80 7.87 10.49 3.19
N ARG A 81 6.97 11.24 3.76
CA ARG A 81 7.23 12.67 4.20
C ARG A 81 8.04 12.74 5.44
N ASN A 82 7.96 11.73 6.26
CA ASN A 82 8.48 11.78 7.65
C ASN A 82 9.18 10.44 7.93
N PRO A 83 10.35 10.27 7.27
CA PRO A 83 10.96 8.98 7.26
C PRO A 83 11.50 8.41 8.62
N GLU A 84 11.54 9.27 9.62
CA GLU A 84 11.80 8.82 10.95
C GLU A 84 10.64 8.07 11.58
N THR A 85 9.49 8.07 10.93
CA THR A 85 8.35 7.30 11.41
C THR A 85 8.15 6.03 10.57
N LEU A 86 8.08 4.90 11.31
CA LEU A 86 7.66 3.62 10.68
C LEU A 86 6.18 3.45 10.91
N PHE A 87 5.39 3.33 9.86
CA PHE A 87 4.00 3.00 9.98
C PHE A 87 3.86 1.49 9.88
N VAL A 88 3.26 0.88 10.93
CA VAL A 88 2.94 -0.54 10.95
C VAL A 88 1.51 -0.72 10.52
N TRP A 89 1.31 -1.35 9.40
CA TRP A 89 0.01 -1.49 8.77
C TRP A 89 -0.78 -2.67 9.29
N GLN A 90 -0.32 -3.90 9.00
CA GLN A 90 -1.03 -5.09 9.46
C GLN A 90 -0.09 -6.01 10.20
N VAL A 91 -0.54 -6.59 11.28
CA VAL A 91 0.14 -7.64 12.02
C VAL A 91 -0.81 -8.82 12.17
N ALA A 92 -0.39 -10.00 11.70
CA ALA A 92 -1.27 -11.18 11.77
C ALA A 92 -0.50 -12.35 12.23
N VAL A 93 -1.05 -13.16 13.13
CA VAL A 93 -0.51 -14.46 13.53
C VAL A 93 -1.61 -15.45 13.45
N ALA A 94 -1.35 -16.56 12.76
CA ALA A 94 -2.39 -17.66 12.60
C ALA A 94 -2.88 -18.09 14.00
N SER A 95 -4.16 -18.33 14.06
CA SER A 95 -4.80 -18.73 15.32
C SER A 95 -4.12 -19.91 16.07
N SER A 96 -3.52 -20.77 15.25
CA SER A 96 -2.72 -22.00 15.68
C SER A 96 -1.50 -21.71 16.48
N HIS A 97 -1.03 -20.51 16.26
CA HIS A 97 0.27 -20.10 16.73
C HIS A 97 0.29 -18.85 17.57
N ARG A 98 -0.92 -18.44 18.08
CA ARG A 98 -1.01 -17.26 18.89
C ARG A 98 -0.56 -17.43 20.33
N ARG A 99 -0.15 -16.38 20.97
CA ARG A 99 0.25 -16.37 22.36
C ARG A 99 1.49 -17.17 22.63
N GLN A 100 2.40 -17.17 21.65
CA GLN A 100 3.72 -17.76 21.71
C GLN A 100 4.87 -16.72 21.55
N GLY A 101 4.50 -15.45 21.40
CA GLY A 101 5.48 -14.43 21.27
C GLY A 101 5.91 -14.18 19.76
N ILE A 102 5.12 -14.74 18.86
CA ILE A 102 5.55 -14.54 17.44
C ILE A 102 5.38 -13.10 17.01
N ALA A 103 4.24 -12.44 17.37
CA ALA A 103 4.11 -11.05 17.02
C ALA A 103 5.19 -10.17 17.63
N LYS A 104 5.49 -10.41 18.92
CA LYS A 104 6.59 -9.63 19.57
CA LYS A 104 6.52 -9.67 19.57
C LYS A 104 7.89 -9.86 18.88
N ALA A 105 8.17 -11.12 18.49
CA ALA A 105 9.41 -11.45 17.84
C ALA A 105 9.51 -10.80 16.45
N MET A 106 8.37 -10.79 15.74
CA MET A 106 8.36 -10.13 14.44
C MET A 106 8.59 -8.61 14.58
N LEU A 107 7.95 -7.99 15.58
CA LEU A 107 8.07 -6.56 15.74
C LEU A 107 9.46 -6.16 16.17
N THR A 108 10.02 -6.83 17.23
CA THR A 108 11.35 -6.47 17.66
C THR A 108 12.40 -6.80 16.58
N GLY A 109 12.19 -7.91 15.88
CA GLY A 109 13.07 -8.20 14.75
C GLY A 109 13.05 -7.18 13.69
N LEU A 110 11.81 -6.72 13.32
CA LEU A 110 11.65 -5.73 12.33
C LEU A 110 12.36 -4.43 12.74
N MET A 111 12.18 -4.02 13.97
CA MET A 111 12.71 -2.72 14.35
C MET A 111 14.21 -2.74 14.38
N ASN A 112 14.85 -3.91 14.51
CA ASN A 112 16.31 -4.09 14.50
C ASN A 112 16.89 -4.31 13.15
N GLN A 113 16.08 -4.32 12.08
CA GLN A 113 16.61 -4.48 10.73
C GLN A 113 17.28 -3.21 10.23
N LYS A 114 18.22 -3.37 9.32
CA LYS A 114 18.96 -2.23 8.77
C LYS A 114 18.05 -1.18 8.28
N ALA A 115 16.95 -1.55 7.54
CA ALA A 115 16.13 -0.58 6.94
C ALA A 115 15.39 0.23 7.96
N CYS A 116 15.41 -0.13 9.25
CA CYS A 116 14.77 0.60 10.31
C CYS A 116 15.77 1.38 11.19
N HIS A 117 17.04 1.44 10.77
CA HIS A 117 18.00 2.27 11.53
C HIS A 117 17.53 3.70 11.39
N GLY A 118 17.58 4.37 12.55
CA GLY A 118 17.16 5.79 12.53
C GLY A 118 15.68 6.00 12.71
N VAL A 119 14.85 4.99 12.79
CA VAL A 119 13.45 5.19 13.06
C VAL A 119 13.32 5.70 14.50
N ARG A 120 12.58 6.77 14.70
N ARG A 120 12.60 6.80 14.66
CA ARG A 120 12.34 7.34 15.99
CA ARG A 120 12.37 7.43 15.90
C ARG A 120 10.94 7.15 16.52
C ARG A 120 10.97 7.23 16.50
N PHE A 121 9.98 6.81 15.67
CA PHE A 121 8.61 6.63 16.07
C PHE A 121 8.04 5.45 15.31
N ILE A 122 7.12 4.72 15.98
CA ILE A 122 6.16 3.87 15.32
C ILE A 122 4.80 4.55 15.35
N GLU A 123 4.12 4.48 14.19
CA GLU A 123 2.66 4.79 14.11
C GLU A 123 1.91 3.57 13.67
N THR A 124 0.73 3.34 14.30
CA THR A 124 -0.09 2.26 13.88
C THR A 124 -1.53 2.57 14.37
N THR A 125 -2.54 1.97 13.82
CA THR A 125 -3.89 2.14 14.35
C THR A 125 -4.36 0.87 14.98
N VAL A 126 -5.07 1.00 16.11
CA VAL A 126 -5.49 -0.18 16.82
C VAL A 126 -6.97 0.06 17.30
N SER A 127 -7.87 -0.68 16.71
CA SER A 127 -9.27 -0.51 17.09
C SER A 127 -9.48 -0.98 18.54
N PRO A 128 -10.50 -0.41 19.20
CA PRO A 128 -10.59 -0.62 20.68
C PRO A 128 -10.88 -2.08 21.06
N SER A 129 -11.57 -2.89 20.23
CA SER A 129 -11.80 -4.24 20.66
CA SER A 129 -11.79 -4.27 20.61
C SER A 129 -10.59 -5.16 20.45
N ASN A 130 -9.51 -4.62 19.80
CA ASN A 130 -8.36 -5.43 19.56
CA ASN A 130 -8.27 -5.39 19.42
C ASN A 130 -7.36 -5.40 20.68
N MET A 131 -7.74 -6.14 21.68
CA MET A 131 -7.06 -6.07 22.96
C MET A 131 -5.63 -6.57 22.81
N ALA A 132 -5.45 -7.66 22.08
CA ALA A 132 -4.11 -8.24 21.91
C ALA A 132 -3.18 -7.29 21.12
N SER A 133 -3.69 -6.67 20.10
CA SER A 133 -2.87 -5.70 19.38
CA SER A 133 -2.88 -5.71 19.33
C SER A 133 -2.50 -4.53 20.24
N ARG A 134 -3.42 -4.06 21.05
CA ARG A 134 -3.09 -2.97 21.96
C ARG A 134 -1.95 -3.38 22.91
N ARG A 135 -2.01 -4.59 23.46
CA ARG A 135 -0.98 -5.11 24.31
C ARG A 135 0.38 -5.27 23.59
N LEU A 136 0.32 -5.71 22.34
CA LEU A 136 1.57 -5.84 21.56
C LEU A 136 2.27 -4.49 21.53
N PHE A 137 1.55 -3.40 21.14
CA PHE A 137 2.21 -2.13 20.96
C PHE A 137 2.49 -1.41 22.28
N LEU A 138 1.53 -1.37 23.19
CA LEU A 138 1.78 -0.74 24.43
C LEU A 138 2.85 -1.50 25.26
N GLY A 139 2.86 -2.84 25.15
CA GLY A 139 3.89 -3.63 25.83
C GLY A 139 5.27 -3.37 25.24
N TYR A 140 5.37 -3.11 23.93
CA TYR A 140 6.63 -2.76 23.31
C TYR A 140 7.13 -1.49 23.87
N ALA A 141 6.28 -0.48 23.95
CA ALA A 141 6.64 0.82 24.54
C ALA A 141 7.04 0.70 26.00
N GLU A 142 6.23 -0.03 26.74
CA GLU A 142 6.49 -0.19 28.18
C GLU A 142 7.82 -0.88 28.44
N GLU A 143 8.14 -1.90 27.70
CA GLU A 143 9.43 -2.65 27.92
C GLU A 143 10.60 -1.70 27.64
N LYS A 144 10.48 -0.81 26.68
CA LYS A 144 11.52 0.14 26.35
C LYS A 144 11.49 1.42 27.18
N SER A 145 10.46 1.58 28.01
CA SER A 145 10.28 2.83 28.74
C SER A 145 10.22 4.01 27.85
N ILE A 146 9.45 3.91 26.78
CA ILE A 146 9.28 4.99 25.77
CA ILE A 146 9.28 5.10 25.94
C ILE A 146 7.79 5.40 25.80
N PRO A 147 7.47 6.69 25.51
CA PRO A 147 6.09 7.13 25.55
C PRO A 147 5.25 6.57 24.49
N SER A 148 3.99 6.46 24.76
CA SER A 148 2.90 6.21 23.75
C SER A 148 1.85 7.27 23.88
N THR A 149 1.26 7.65 22.77
CA THR A 149 0.21 8.64 22.73
C THR A 149 -0.84 8.18 21.78
N VAL A 150 -2.10 8.38 22.07
CA VAL A 150 -3.20 7.95 21.20
C VAL A 150 -3.90 9.17 20.72
N THR A 151 -4.17 9.31 19.44
CA THR A 151 -4.95 10.36 18.90
C THR A 151 -6.05 9.76 18.04
N VAL A 152 -6.88 10.61 17.42
CA VAL A 152 -8.08 10.21 16.79
C VAL A 152 -7.96 9.14 15.68
N GLY A 153 -6.98 9.22 14.83
CA GLY A 153 -6.88 8.26 13.73
C GLY A 153 -8.05 8.34 12.80
N TYR A 154 -8.49 7.21 12.28
CA TYR A 154 -9.57 7.16 11.30
C TYR A 154 -10.82 6.70 11.98
N GLY A 155 -11.77 7.66 12.22
CA GLY A 155 -13.01 7.27 12.88
C GLY A 155 -13.88 6.44 12.05
N ALA A 156 -14.80 5.72 12.76
CA ALA A 156 -15.78 4.91 12.10
C ALA A 156 -16.50 5.57 10.98
N GLU A 157 -16.80 6.85 11.14
CA GLU A 157 -17.55 7.61 10.14
C GLU A 157 -16.86 7.78 8.81
N MET A 158 -15.52 7.50 8.77
CA MET A 158 -14.81 7.59 7.50
C MET A 158 -15.05 6.42 6.58
N PHE A 159 -15.57 5.32 7.11
CA PHE A 159 -15.67 4.07 6.36
C PHE A 159 -16.97 4.01 5.54
N PRO A 160 -17.07 3.09 4.60
CA PRO A 160 -18.21 3.16 3.67
C PRO A 160 -19.55 2.97 4.33
N ASP A 161 -20.57 3.58 3.68
CA ASP A 161 -21.98 3.37 4.04
C ASP A 161 -22.29 1.90 3.97
N GLY A 162 -23.18 1.51 4.92
CA GLY A 162 -23.84 0.22 4.86
C GLY A 162 -22.89 -0.82 5.37
N THR A 163 -21.68 -0.43 5.68
CA THR A 163 -20.78 -1.33 6.43
C THR A 163 -20.59 -0.61 7.80
N THR A 164 -20.04 -1.43 8.73
CA THR A 164 -19.88 -0.86 10.16
C THR A 164 -18.41 -1.18 10.56
N HIS A 165 -17.55 -0.27 10.76
CA HIS A 165 -16.13 -0.42 11.09
C HIS A 165 -15.86 0.20 12.42
N GLU A 166 -15.01 -0.36 13.28
CA GLU A 166 -14.58 0.26 14.45
CA GLU A 166 -14.58 0.32 14.47
C GLU A 166 -13.72 1.51 14.12
N ASP A 167 -13.66 2.41 15.09
CA ASP A 167 -12.66 3.46 15.01
C ASP A 167 -11.25 2.82 14.92
N GLU A 168 -10.35 3.55 14.26
CA GLU A 168 -8.96 3.18 14.14
C GLU A 168 -8.11 4.27 14.72
N PRO A 169 -8.05 4.42 16.06
CA PRO A 169 -7.25 5.47 16.66
C PRO A 169 -5.78 5.26 16.38
N LEU A 170 -5.06 6.36 16.27
CA LEU A 170 -3.63 6.34 15.96
C LEU A 170 -2.79 6.30 17.21
N PHE A 171 -1.97 5.25 17.32
CA PHE A 171 -0.97 5.11 18.36
C PHE A 171 0.37 5.66 17.79
N VAL A 172 1.02 6.52 18.55
CA VAL A 172 2.30 7.04 18.22
C VAL A 172 3.21 6.62 19.35
N ILE A 173 4.21 5.82 19.05
CA ILE A 173 5.16 5.33 20.05
C ILE A 173 6.48 5.97 19.81
N GLY A 174 6.97 6.71 20.78
CA GLY A 174 8.25 7.40 20.65
C GLY A 174 8.23 8.75 21.33
N PRO A 175 9.31 9.49 21.20
CA PRO A 175 10.48 9.18 20.44
C PRO A 175 11.33 8.09 21.07
N PHE A 176 11.96 7.27 20.22
CA PHE A 176 12.85 6.24 20.76
C PHE A 176 14.13 6.84 21.31
N PHE A 177 14.61 7.93 20.76
CA PHE A 177 15.87 8.60 21.16
C PHE A 177 15.72 10.10 20.73
N ASN A 178 16.66 10.93 21.26
CA ASN A 178 16.52 12.36 21.12
C ASN A 178 17.62 13.07 20.36
N ASP A 179 18.38 12.40 19.45
CA ASP A 179 19.44 13.15 18.61
C ASP A 179 18.92 14.39 17.86
N GLY B 16 -19.98 23.59 -20.15
CA GLY B 16 -19.35 22.60 -19.24
C GLY B 16 -18.55 23.14 -18.06
N THR B 17 -18.22 22.23 -17.21
CA THR B 17 -17.52 22.48 -15.93
C THR B 17 -16.26 21.69 -16.04
N GLU B 18 -15.14 22.40 -15.87
CA GLU B 18 -13.92 21.69 -15.98
C GLU B 18 -13.66 20.72 -14.83
N VAL B 19 -12.99 19.62 -15.14
CA VAL B 19 -12.49 18.67 -14.18
C VAL B 19 -11.40 19.31 -13.39
N VAL B 20 -11.42 19.11 -12.06
CA VAL B 20 -10.40 19.65 -11.19
C VAL B 20 -9.54 18.49 -10.63
N TYR B 21 -8.26 18.83 -10.50
CA TYR B 21 -7.22 17.85 -10.12
C TYR B 21 -6.60 18.22 -8.81
N ARG B 22 -6.39 17.30 -7.91
CA ARG B 22 -5.80 17.63 -6.61
C ARG B 22 -5.19 16.33 -6.01
N ARG B 23 -4.36 16.51 -5.00
CA ARG B 23 -3.94 15.33 -4.28
CA ARG B 23 -3.91 15.42 -4.17
C ARG B 23 -5.05 14.83 -3.34
N PRO B 24 -5.09 13.56 -3.11
CA PRO B 24 -6.09 13.04 -2.17
C PRO B 24 -5.76 13.34 -0.75
N GLU B 25 -6.70 13.08 0.12
CA GLU B 25 -6.54 13.16 1.56
C GLU B 25 -7.10 11.84 2.15
N ALA B 26 -6.81 11.60 3.42
CA ALA B 26 -7.34 10.39 4.06
C ALA B 26 -8.85 10.28 3.94
N ARG B 27 -9.53 11.44 4.10
CA ARG B 27 -10.99 11.45 4.02
C ARG B 27 -11.58 11.00 2.66
N ASP B 28 -10.75 11.06 1.62
CA ASP B 28 -11.20 10.59 0.33
C ASP B 28 -11.29 9.04 0.20
N GLY B 29 -10.80 8.34 1.27
CA GLY B 29 -10.59 6.91 1.10
C GLY B 29 -11.85 6.15 0.70
N THR B 30 -13.02 6.44 1.35
CA THR B 30 -14.21 5.75 0.95
C THR B 30 -14.63 5.98 -0.47
N ARG B 31 -14.61 7.28 -0.89
CA ARG B 31 -15.07 7.58 -2.24
C ARG B 31 -14.13 7.03 -3.29
N VAL B 32 -12.82 7.03 -2.96
CA VAL B 32 -11.86 6.37 -3.88
C VAL B 32 -12.10 4.88 -3.95
N TRP B 33 -12.35 4.22 -2.79
CA TRP B 33 -12.66 2.83 -2.74
C TRP B 33 -13.88 2.53 -3.65
N GLU B 34 -14.91 3.36 -3.49
CA GLU B 34 -16.11 3.16 -4.33
C GLU B 34 -15.82 3.28 -5.80
N LEU B 35 -14.95 4.25 -6.19
CA LEU B 35 -14.53 4.38 -7.59
C LEU B 35 -13.83 3.14 -8.10
N ILE B 36 -12.88 2.63 -7.29
CA ILE B 36 -12.15 1.41 -7.68
C ILE B 36 -13.12 0.25 -7.77
N ARG B 37 -13.97 0.10 -6.80
CA ARG B 37 -14.89 -1.04 -6.93
CA ARG B 37 -15.07 -0.97 -6.67
C ARG B 37 -15.80 -0.98 -8.08
N ASP B 38 -16.22 0.19 -8.44
CA ASP B 38 -17.08 0.32 -9.61
C ASP B 38 -16.42 0.16 -10.96
N THR B 39 -15.13 0.14 -11.01
CA THR B 39 -14.51 -0.16 -12.38
C THR B 39 -14.83 -1.58 -12.87
N GLY B 40 -14.81 -2.55 -11.97
CA GLY B 40 -14.67 -4.05 -12.29
C GLY B 40 -13.10 -4.51 -12.49
N SER B 41 -12.41 -3.89 -13.33
CA SER B 41 -11.19 -4.34 -13.90
C SER B 41 -9.99 -4.18 -13.04
N LEU B 42 -10.19 -3.54 -11.82
CA LEU B 42 -9.09 -3.39 -10.86
C LEU B 42 -9.30 -4.29 -9.70
N ASP B 43 -8.19 -4.58 -9.06
N ASP B 43 -8.23 -4.62 -9.01
CA ASP B 43 -8.20 -5.36 -7.86
CA ASP B 43 -8.36 -5.45 -7.79
C ASP B 43 -8.67 -4.45 -6.70
C ASP B 43 -8.57 -4.57 -6.55
N LEU B 44 -9.70 -4.77 -5.96
CA LEU B 44 -10.19 -3.88 -4.89
C LEU B 44 -9.45 -4.13 -3.60
N ASN B 45 -8.81 -3.10 -3.06
CA ASN B 45 -8.25 -3.15 -1.71
C ASN B 45 -9.24 -2.66 -0.72
N SER B 46 -8.86 -2.75 0.58
CA SER B 46 -9.76 -2.32 1.64
C SER B 46 -9.94 -0.81 1.63
N PRO B 47 -11.07 -0.28 2.18
CA PRO B 47 -11.21 1.16 2.33
C PRO B 47 -10.01 1.74 3.09
N TYR B 48 -9.59 1.06 4.13
CA TYR B 48 -8.44 1.52 4.95
C TYR B 48 -7.22 1.75 4.05
N CYS B 49 -6.95 0.86 3.09
CA CYS B 49 -5.84 1.06 2.16
C CYS B 49 -5.90 2.40 1.51
N TYR B 50 -7.07 2.78 1.00
CA TYR B 50 -7.18 4.06 0.31
C TYR B 50 -7.10 5.22 1.26
N MET B 51 -7.47 5.09 2.49
CA MET B 51 -7.19 6.12 3.50
C MET B 51 -5.72 6.26 3.70
N LEU B 52 -4.97 5.15 3.78
CA LEU B 52 -3.51 5.22 3.90
C LEU B 52 -2.88 5.92 2.76
N LEU B 53 -3.32 5.62 1.55
CA LEU B 53 -2.75 6.31 0.41
C LEU B 53 -3.00 7.77 0.47
N GLY B 54 -4.20 8.20 0.85
CA GLY B 54 -4.55 9.57 1.02
C GLY B 54 -3.81 10.26 2.13
N ASP B 55 -3.35 9.50 3.12
CA ASP B 55 -2.64 10.07 4.23
CA ASP B 55 -2.64 10.05 4.31
C ASP B 55 -1.15 10.07 3.99
N TYR B 56 -0.53 8.91 3.90
CA TYR B 56 0.95 8.77 3.86
C TYR B 56 1.52 8.96 2.47
N PHE B 57 0.78 8.66 1.43
CA PHE B 57 1.29 8.61 0.07
C PHE B 57 0.77 9.73 -0.82
N ASN B 58 0.03 10.71 -0.23
CA ASN B 58 -0.79 11.58 -1.11
CA ASN B 58 -0.78 11.62 -1.04
C ASN B 58 0.06 12.50 -1.95
N ASP B 59 1.33 12.72 -1.57
CA ASP B 59 2.24 13.57 -2.39
C ASP B 59 2.49 12.98 -3.77
N THR B 60 2.28 11.69 -3.93
CA THR B 60 2.48 10.99 -5.19
C THR B 60 1.19 10.32 -5.67
N CYS B 61 0.03 10.86 -5.29
CA CYS B 61 -1.24 10.35 -5.83
C CYS B 61 -2.03 11.51 -6.40
N MET B 62 -3.08 11.23 -7.12
N MET B 62 -3.09 11.22 -7.09
CA MET B 62 -3.89 12.23 -7.82
CA MET B 62 -3.94 12.24 -7.66
C MET B 62 -5.37 11.84 -7.77
C MET B 62 -5.39 11.83 -7.71
N ILE B 63 -6.22 12.86 -7.61
CA ILE B 63 -7.68 12.75 -7.80
C ILE B 63 -8.15 13.69 -8.85
N ALA B 64 -9.16 13.25 -9.60
CA ALA B 64 -9.93 14.11 -10.49
C ALA B 64 -11.34 14.15 -10.03
N GLU B 65 -11.90 15.39 -9.99
CA GLU B 65 -13.29 15.60 -9.56
C GLU B 65 -14.05 16.39 -10.62
N HIS B 66 -15.30 16.07 -10.80
CA HIS B 66 -16.15 16.80 -11.76
C HIS B 66 -17.49 17.00 -11.10
N GLU B 67 -17.92 18.26 -10.95
CA GLU B 67 -19.18 18.63 -10.39
C GLU B 67 -19.39 17.90 -9.07
N GLY B 68 -18.30 17.84 -8.29
CA GLY B 68 -18.37 17.28 -6.92
C GLY B 68 -18.15 15.84 -6.70
N ASP B 69 -18.08 15.10 -7.84
CA ASP B 69 -17.92 13.64 -7.81
C ASP B 69 -16.44 13.30 -8.12
N ILE B 70 -15.89 12.34 -7.38
CA ILE B 70 -14.56 11.80 -7.73
C ILE B 70 -14.79 10.99 -8.99
N VAL B 71 -14.10 11.35 -10.05
CA VAL B 71 -14.17 10.67 -11.33
C VAL B 71 -12.88 10.00 -11.76
N GLY B 72 -11.76 10.29 -11.05
CA GLY B 72 -10.49 9.69 -11.39
C GLY B 72 -9.62 9.58 -10.20
N PHE B 73 -8.72 8.59 -10.23
CA PHE B 73 -7.71 8.40 -9.14
C PHE B 73 -6.50 7.75 -9.78
N ILE B 74 -5.33 8.18 -9.31
CA ILE B 74 -4.05 7.45 -9.49
C ILE B 74 -3.40 7.31 -8.19
N SER B 75 -2.99 6.06 -7.84
CA SER B 75 -2.10 5.82 -6.73
C SER B 75 -0.69 5.50 -7.25
N ALA B 76 0.31 6.05 -6.57
CA ALA B 76 1.69 5.75 -6.91
C ALA B 76 2.51 5.99 -5.70
N PHE B 77 3.78 5.50 -5.73
CA PHE B 77 4.76 5.69 -4.66
C PHE B 77 6.14 5.58 -5.23
N ARG B 78 7.10 6.30 -4.67
CA ARG B 78 8.48 6.08 -5.06
C ARG B 78 9.01 4.80 -4.43
N SER B 79 9.72 3.98 -5.21
CA SER B 79 10.21 2.71 -4.66
C SER B 79 11.20 2.98 -3.54
N PRO B 80 11.00 2.38 -2.38
CA PRO B 80 11.95 2.67 -1.30
C PRO B 80 13.38 2.31 -1.59
N ARG B 81 13.69 1.22 -2.25
CA ARG B 81 15.07 0.86 -2.55
C ARG B 81 15.61 1.57 -3.78
N ASN B 82 14.75 1.95 -4.72
CA ASN B 82 15.17 2.48 -5.99
C ASN B 82 14.35 3.77 -6.21
N PRO B 83 14.72 4.84 -5.45
CA PRO B 83 13.90 6.00 -5.43
C PRO B 83 13.72 6.77 -6.73
N GLU B 84 14.58 6.54 -7.71
CA GLU B 84 14.37 7.13 -8.99
C GLU B 84 13.18 6.48 -9.77
N THR B 85 12.65 5.42 -9.23
CA THR B 85 11.50 4.76 -9.84
C THR B 85 10.19 5.17 -9.14
N LEU B 86 9.23 5.64 -9.88
CA LEU B 86 7.86 5.81 -9.38
C LEU B 86 7.04 4.59 -9.86
N PHE B 87 6.46 3.87 -8.87
CA PHE B 87 5.55 2.76 -9.20
C PHE B 87 4.13 3.31 -9.24
N VAL B 88 3.46 3.12 -10.36
CA VAL B 88 2.09 3.52 -10.51
C VAL B 88 1.24 2.30 -10.26
N TRP B 89 0.42 2.30 -9.22
CA TRP B 89 -0.32 1.16 -8.73
C TRP B 89 -1.65 1.04 -9.40
N GLN B 90 -2.60 1.96 -9.19
CA GLN B 90 -3.93 1.87 -9.82
C GLN B 90 -4.24 3.20 -10.50
N VAL B 91 -4.79 3.11 -11.70
CA VAL B 91 -5.37 4.24 -12.41
C VAL B 91 -6.81 3.93 -12.71
N ALA B 92 -7.71 4.78 -12.32
CA ALA B 92 -9.16 4.52 -12.58
C ALA B 92 -9.82 5.82 -13.01
N VAL B 93 -10.71 5.71 -14.01
CA VAL B 93 -11.61 6.82 -14.33
C VAL B 93 -13.01 6.20 -14.38
N ALA B 94 -13.98 6.89 -13.79
CA ALA B 94 -15.37 6.44 -13.77
C ALA B 94 -15.85 6.27 -15.20
N SER B 95 -16.61 5.17 -15.41
CA SER B 95 -17.19 4.87 -16.67
CA SER B 95 -17.05 4.90 -16.80
C SER B 95 -17.82 6.03 -17.40
N SER B 96 -18.57 6.81 -16.62
CA SER B 96 -19.31 7.98 -17.08
C SER B 96 -18.47 9.02 -17.65
N HIS B 97 -17.17 9.01 -17.37
CA HIS B 97 -16.27 10.09 -17.73
C HIS B 97 -15.07 9.65 -18.49
N ARG B 98 -15.07 8.44 -19.08
CA ARG B 98 -13.92 7.94 -19.89
C ARG B 98 -13.86 8.56 -21.24
N ARG B 99 -12.65 8.51 -21.79
CA ARG B 99 -12.36 8.98 -23.12
C ARG B 99 -12.51 10.46 -23.30
N GLN B 100 -12.22 11.16 -22.20
CA GLN B 100 -12.20 12.59 -22.12
C GLN B 100 -10.80 13.14 -21.80
N GLY B 101 -9.80 12.31 -21.68
CA GLY B 101 -8.44 12.73 -21.37
C GLY B 101 -8.17 12.84 -19.86
N ILE B 102 -9.02 12.38 -19.00
CA ILE B 102 -8.79 12.55 -17.55
C ILE B 102 -7.61 11.72 -17.11
N ALA B 103 -7.51 10.46 -17.56
CA ALA B 103 -6.36 9.69 -17.11
C ALA B 103 -5.05 10.30 -17.62
N LYS B 104 -5.01 10.75 -18.86
CA LYS B 104 -3.79 11.35 -19.37
C LYS B 104 -3.46 12.60 -18.55
N ALA B 105 -4.44 13.38 -18.21
CA ALA B 105 -4.22 14.61 -17.42
C ALA B 105 -3.78 14.23 -16.01
N MET B 106 -4.31 13.19 -15.41
CA MET B 106 -3.88 12.83 -14.09
C MET B 106 -2.42 12.36 -14.12
N LEU B 107 -2.03 11.57 -15.15
CA LEU B 107 -0.68 11.03 -15.20
C LEU B 107 0.29 12.14 -15.46
N THR B 108 0.01 13.03 -16.41
CA THR B 108 0.90 14.15 -16.71
C THR B 108 0.97 15.01 -15.44
N GLY B 109 -0.14 15.30 -14.81
CA GLY B 109 -0.11 16.11 -13.60
C GLY B 109 0.62 15.48 -12.48
N LEU B 110 0.52 14.18 -12.28
CA LEU B 110 1.27 13.50 -11.26
C LEU B 110 2.76 13.70 -11.46
N MET B 111 3.23 13.66 -12.65
CA MET B 111 4.65 13.75 -12.91
C MET B 111 5.19 15.17 -12.73
N ASN B 112 4.33 16.18 -12.57
CA ASN B 112 4.77 17.53 -12.21
C ASN B 112 4.87 17.73 -10.72
N GLN B 113 4.35 16.84 -9.89
CA GLN B 113 4.29 17.12 -8.49
C GLN B 113 5.64 17.22 -7.90
N LYS B 114 5.77 17.99 -6.83
CA LYS B 114 7.04 18.22 -6.20
C LYS B 114 7.72 16.94 -5.77
N ALA B 115 6.94 15.97 -5.19
CA ALA B 115 7.49 14.72 -4.75
C ALA B 115 7.84 13.79 -5.85
N CYS B 116 7.58 14.14 -7.10
CA CYS B 116 8.00 13.32 -8.24
C CYS B 116 9.21 13.91 -8.95
N HIS B 117 9.79 14.97 -8.36
CA HIS B 117 11.01 15.54 -8.92
C HIS B 117 12.09 14.47 -8.94
N GLY B 118 12.81 14.37 -10.04
CA GLY B 118 13.89 13.41 -10.10
C GLY B 118 13.46 11.97 -10.50
N VAL B 119 12.20 11.72 -10.72
CA VAL B 119 11.81 10.41 -11.14
C VAL B 119 12.35 10.18 -12.53
N ARG B 120 13.15 9.11 -12.65
N ARG B 120 13.11 9.10 -12.68
CA ARG B 120 13.76 8.70 -13.90
CA ARG B 120 13.70 8.76 -13.93
C ARG B 120 13.01 7.60 -14.65
C ARG B 120 12.99 7.60 -14.66
N PHE B 121 12.21 6.80 -13.94
CA PHE B 121 11.43 5.72 -14.52
C PHE B 121 10.05 5.63 -13.89
N ILE B 122 9.06 5.24 -14.68
CA ILE B 122 7.81 4.73 -14.13
C ILE B 122 7.83 3.22 -14.29
N GLU B 123 7.34 2.51 -13.28
CA GLU B 123 6.97 1.10 -13.33
C GLU B 123 5.51 0.93 -13.13
N THR B 124 4.85 0.03 -13.81
CA THR B 124 3.42 -0.26 -13.60
C THR B 124 3.17 -1.63 -14.20
N THR B 125 2.15 -2.30 -13.74
CA THR B 125 1.79 -3.53 -14.46
C THR B 125 0.45 -3.34 -15.15
N VAL B 126 0.32 -3.97 -16.35
CA VAL B 126 -0.89 -3.76 -17.12
C VAL B 126 -1.31 -5.12 -17.75
N SER B 127 -2.41 -5.63 -17.44
N SER B 127 -2.30 -5.80 -17.05
CA SER B 127 -2.69 -6.86 -17.95
CA SER B 127 -3.04 -7.12 -17.53
C SER B 127 -3.10 -6.79 -19.36
C SER B 127 -3.56 -6.95 -18.97
N PRO B 128 -3.42 -7.96 -19.87
CA PRO B 128 -3.97 -7.89 -21.28
C PRO B 128 -5.33 -7.36 -21.54
N SER B 129 -6.23 -7.56 -20.57
CA SER B 129 -7.59 -6.99 -20.74
C SER B 129 -7.74 -5.54 -20.43
N ASN B 130 -6.69 -4.91 -19.89
CA ASN B 130 -6.71 -3.49 -19.54
C ASN B 130 -6.14 -2.79 -20.75
N MET B 131 -6.90 -2.85 -21.84
CA MET B 131 -6.47 -2.44 -23.09
CA MET B 131 -6.23 -2.36 -23.23
C MET B 131 -6.23 -0.82 -23.20
N ALA B 132 -7.20 -0.10 -22.60
CA ALA B 132 -7.07 1.37 -22.52
C ALA B 132 -5.92 1.79 -21.68
N SER B 133 -5.64 1.01 -20.60
CA SER B 133 -4.50 1.35 -19.75
CA SER B 133 -4.52 1.31 -19.78
C SER B 133 -3.18 1.19 -20.49
N ARG B 134 -3.07 0.14 -21.31
CA ARG B 134 -1.93 0.04 -22.16
C ARG B 134 -1.67 1.23 -23.09
N ARG B 135 -2.78 1.72 -23.69
CA ARG B 135 -2.64 2.95 -24.53
C ARG B 135 -2.27 4.16 -23.72
N LEU B 136 -2.79 4.29 -22.47
CA LEU B 136 -2.43 5.42 -21.61
C LEU B 136 -0.93 5.47 -21.45
N PHE B 137 -0.33 4.31 -21.01
CA PHE B 137 1.06 4.34 -20.62
C PHE B 137 1.97 4.35 -21.87
N LEU B 138 1.66 3.53 -22.90
CA LEU B 138 2.50 3.56 -24.05
C LEU B 138 2.39 4.84 -24.83
N GLY B 139 1.22 5.45 -24.82
CA GLY B 139 1.03 6.82 -25.42
C GLY B 139 1.80 7.87 -24.70
N TYR B 140 1.84 7.84 -23.36
CA TYR B 140 2.65 8.78 -22.58
C TYR B 140 4.11 8.67 -22.96
N ALA B 141 4.64 7.48 -23.06
CA ALA B 141 6.01 7.32 -23.43
C ALA B 141 6.27 7.85 -24.88
N GLU B 142 5.34 7.54 -25.77
CA GLU B 142 5.44 8.05 -27.17
C GLU B 142 5.51 9.53 -27.21
N GLU B 143 4.63 10.22 -26.50
CA GLU B 143 4.51 11.64 -26.64
C GLU B 143 5.69 12.29 -26.04
N LYS B 144 6.37 11.67 -25.05
CA LYS B 144 7.54 12.27 -24.47
C LYS B 144 8.80 11.83 -25.22
N SER B 145 8.65 10.93 -26.21
CA SER B 145 9.77 10.30 -26.91
C SER B 145 10.75 9.53 -25.97
N ILE B 146 10.21 8.74 -25.09
CA ILE B 146 10.91 7.98 -24.07
CA ILE B 146 11.05 7.93 -24.23
C ILE B 146 10.69 6.47 -24.32
N PRO B 147 11.73 5.65 -24.08
CA PRO B 147 11.53 4.19 -24.23
C PRO B 147 10.56 3.55 -23.23
N SER B 148 10.03 2.43 -23.66
CA SER B 148 9.26 1.57 -22.81
C SER B 148 9.71 0.13 -23.05
N THR B 149 9.74 -0.71 -22.01
CA THR B 149 10.03 -2.07 -22.11
C THR B 149 9.01 -2.88 -21.25
N VAL B 150 8.82 -4.11 -21.58
CA VAL B 150 7.83 -4.99 -20.89
C VAL B 150 8.61 -6.21 -20.40
N THR B 151 8.60 -6.57 -19.12
CA THR B 151 9.13 -7.84 -18.57
C THR B 151 7.98 -8.54 -17.86
N VAL B 152 8.31 -9.79 -17.38
CA VAL B 152 7.34 -10.73 -16.92
C VAL B 152 6.28 -10.21 -15.83
N GLY B 153 6.73 -9.47 -14.92
CA GLY B 153 5.85 -9.03 -13.85
C GLY B 153 5.30 -10.17 -13.02
N TYR B 154 4.06 -10.08 -12.60
CA TYR B 154 3.45 -11.07 -11.75
C TYR B 154 2.51 -11.95 -12.64
N GLY B 155 2.96 -13.21 -12.88
CA GLY B 155 2.15 -14.09 -13.73
C GLY B 155 0.91 -14.56 -13.00
N ALA B 156 -0.07 -15.03 -13.83
CA ALA B 156 -1.29 -15.55 -13.31
C ALA B 156 -1.11 -16.56 -12.24
N GLU B 157 -0.06 -17.43 -12.34
CA GLU B 157 0.18 -18.48 -11.42
C GLU B 157 0.46 -18.05 -10.03
N MET B 158 0.83 -16.73 -9.90
CA MET B 158 1.15 -16.24 -8.56
C MET B 158 -0.08 -15.97 -7.72
N PHE B 159 -1.26 -15.91 -8.34
CA PHE B 159 -2.48 -15.45 -7.72
C PHE B 159 -3.15 -16.63 -6.99
N PRO B 160 -4.14 -16.38 -6.15
CA PRO B 160 -4.74 -17.50 -5.36
C PRO B 160 -5.53 -18.46 -6.16
N ASP B 161 -5.46 -19.71 -5.67
CA ASP B 161 -6.19 -20.82 -6.27
C ASP B 161 -7.63 -20.53 -6.39
N GLY B 162 -8.28 -21.13 -7.39
CA GLY B 162 -9.71 -21.01 -7.37
C GLY B 162 -10.37 -19.66 -7.63
N THR B 163 -9.68 -18.66 -8.02
CA THR B 163 -10.24 -17.79 -9.07
C THR B 163 -9.04 -17.54 -10.01
N THR B 164 -9.36 -16.94 -11.13
CA THR B 164 -8.50 -16.74 -12.30
CA THR B 164 -8.35 -16.74 -12.18
C THR B 164 -8.10 -15.25 -12.27
N HIS B 165 -6.82 -14.96 -12.34
CA HIS B 165 -6.36 -13.62 -12.47
C HIS B 165 -5.49 -13.61 -13.71
N GLU B 166 -5.49 -12.54 -14.45
CA GLU B 166 -4.67 -12.34 -15.56
C GLU B 166 -3.18 -12.13 -15.19
N ASP B 167 -2.26 -12.39 -16.09
CA ASP B 167 -0.91 -11.94 -15.92
C ASP B 167 -0.89 -10.42 -15.74
N GLU B 168 0.16 -9.99 -14.99
CA GLU B 168 0.43 -8.54 -14.69
C GLU B 168 1.86 -8.24 -15.18
N PRO B 169 2.11 -8.14 -16.48
CA PRO B 169 3.46 -7.86 -16.96
C PRO B 169 3.87 -6.45 -16.53
N LEU B 170 5.17 -6.30 -16.29
CA LEU B 170 5.77 -5.02 -15.83
C LEU B 170 6.23 -4.16 -16.97
N PHE B 171 5.67 -2.95 -17.03
CA PHE B 171 6.09 -1.93 -17.97
C PHE B 171 7.04 -1.08 -17.25
N VAL B 172 8.17 -0.79 -17.87
CA VAL B 172 9.23 0.13 -17.38
C VAL B 172 9.35 1.25 -18.41
N ILE B 173 9.03 2.47 -18.04
CA ILE B 173 9.05 3.61 -18.94
C ILE B 173 10.13 4.56 -18.52
N GLY B 174 11.05 4.85 -19.40
CA GLY B 174 12.20 5.66 -19.11
C GLY B 174 13.41 5.21 -19.82
N PRO B 175 14.57 5.95 -19.61
CA PRO B 175 14.71 7.03 -18.63
C PRO B 175 14.17 8.33 -19.13
N PHE B 176 13.57 9.10 -18.16
CA PHE B 176 13.01 10.41 -18.50
C PHE B 176 14.06 11.45 -18.75
N PHE B 177 15.28 11.24 -18.23
CA PHE B 177 16.34 12.19 -18.39
C PHE B 177 17.66 11.47 -18.31
N ASN B 178 18.70 12.09 -18.83
CA ASN B 178 20.08 11.52 -18.92
C ASN B 178 20.74 11.48 -17.58
N ASP B 179 21.70 10.54 -17.45
CA ASP B 179 22.70 10.55 -16.39
C ASP B 179 23.65 11.70 -16.50
N ILE B 180 23.63 12.53 -15.52
CA ILE B 180 24.30 13.87 -15.63
C ILE B 180 25.56 13.65 -14.74
N GLY B 181 26.74 13.74 -15.38
CA GLY B 181 28.02 13.70 -14.62
C GLY B 181 28.32 14.89 -13.58
#